data_8D1W
#
_entry.id   8D1W
#
_cell.length_a   84.288
_cell.length_b   84.288
_cell.length_c   292.218
_cell.angle_alpha   90.00
_cell.angle_beta   90.00
_cell.angle_gamma   120.00
#
_symmetry.space_group_name_H-M   'P 65 2 2'
#
loop_
_entity.id
_entity.type
_entity.pdbx_description
1 polymer 'Chaperone DnaK'
2 non-polymer 8-{[(2-chlorophenyl)methyl]amino}adenosine
3 non-polymer 'SULFATE ION'
4 water water
#
_entity_poly.entity_id   1
_entity_poly.type   'polypeptide(L)'
_entity_poly.pdbx_seq_one_letter_code
;MHHHHHHSSGRENLYFQGIEGPVIGIDLGTTYSCVGVFKNGRVEILNNELGNRITPSYVSFVDGERKVGEAAKLEATLHP
TQTVFDVKRLIGRKFDDQEVVKDRSLLPYEIVNNQGKPNIKVQIKDKDTTFAPEQISAMVLEKMKEIAQSFLGKPVKNAV
VTVPAYFNDAQRQATKDAGTIAGLNIVRIINEPTAAALAYGLDKKEETSILVYDLGGGTFDVSILVIDNGVFEVYATAGN
THLGGEDFDQRVMDYFIKMFKKKNNIDLRTDKRAIQKLRKEVEIAKRNLSVVHSTQIEIEDIVEGHNFSETLTRAKFEEL
NDDLFRETLEPVKKVLDDAKYEKSKIDEIVLVGGSTRIPKIQQIIKEFFNGKEPNRGINPDEAVAYGAAIQAGIILG
;
_entity_poly.pdbx_strand_id   A
#
# COMPACT_ATOMS: atom_id res chain seq x y z
N GLY A 21 10.54 -1.67 -27.77
CA GLY A 21 10.21 -2.69 -26.76
C GLY A 21 8.97 -2.27 -25.97
N PRO A 22 8.46 -3.19 -25.12
CA PRO A 22 7.35 -2.87 -24.22
C PRO A 22 7.73 -1.98 -23.04
N VAL A 23 6.74 -1.20 -22.59
CA VAL A 23 6.83 -0.36 -21.39
C VAL A 23 5.71 -0.84 -20.48
N ILE A 24 6.03 -1.32 -19.29
CA ILE A 24 5.05 -1.80 -18.27
C ILE A 24 4.82 -0.70 -17.24
N GLY A 25 3.72 -0.80 -16.52
CA GLY A 25 3.34 0.16 -15.47
C GLY A 25 3.40 -0.53 -14.12
N ILE A 26 4.07 0.07 -13.12
CA ILE A 26 4.23 -0.57 -11.77
C ILE A 26 3.88 0.43 -10.69
N ASP A 27 2.94 0.01 -9.85
CA ASP A 27 2.62 0.67 -8.59
C ASP A 27 3.54 -0.01 -7.58
N LEU A 28 4.60 0.71 -7.19
CA LEU A 28 5.54 0.28 -6.11
C LEU A 28 5.03 0.87 -4.79
N GLY A 29 4.19 0.11 -4.13
CA GLY A 29 3.42 0.56 -2.96
C GLY A 29 4.23 0.34 -1.69
N THR A 30 3.78 0.91 -0.59
CA THR A 30 4.37 0.62 0.72
C THR A 30 4.24 -0.86 1.08
N THR A 31 3.03 -1.44 1.02
CA THR A 31 2.74 -2.79 1.55
C THR A 31 2.61 -3.78 0.39
N TYR A 32 2.31 -3.31 -0.81
CA TYR A 32 2.12 -4.18 -1.99
C TYR A 32 2.54 -3.46 -3.27
N SER A 33 2.84 -4.25 -4.30
N SER A 33 2.77 -4.27 -4.31
CA SER A 33 3.07 -3.72 -5.66
CA SER A 33 3.15 -3.84 -5.67
C SER A 33 2.13 -4.43 -6.63
C SER A 33 2.26 -4.53 -6.70
N CYS A 34 1.99 -3.86 -7.82
CA CYS A 34 0.97 -4.28 -8.80
C CYS A 34 1.54 -3.90 -10.16
N VAL A 35 1.51 -4.83 -11.13
CA VAL A 35 2.05 -4.54 -12.46
C VAL A 35 0.96 -4.69 -13.51
N GLY A 36 1.00 -3.80 -14.49
CA GLY A 36 0.02 -3.66 -15.59
C GLY A 36 0.77 -3.53 -16.88
N VAL A 37 0.22 -4.09 -17.95
CA VAL A 37 0.71 -3.86 -19.32
C VAL A 37 -0.44 -3.24 -20.13
N PHE A 38 -0.11 -2.39 -21.07
CA PHE A 38 -1.05 -1.87 -22.08
C PHE A 38 -0.88 -2.74 -23.34
N LYS A 39 -1.91 -3.43 -23.82
CA LYS A 39 -1.74 -4.40 -24.94
C LYS A 39 -3.03 -4.58 -25.73
N ASN A 40 -2.98 -4.48 -27.08
CA ASN A 40 -4.13 -4.43 -28.05
C ASN A 40 -5.16 -3.43 -27.54
N GLY A 41 -4.73 -2.27 -27.10
CA GLY A 41 -5.65 -1.20 -26.73
C GLY A 41 -6.22 -1.34 -25.35
N ARG A 42 -5.82 -2.34 -24.52
CA ARG A 42 -6.33 -2.49 -23.11
C ARG A 42 -5.19 -2.65 -22.07
N VAL A 43 -5.39 -2.15 -20.84
CA VAL A 43 -4.56 -2.42 -19.63
C VAL A 43 -4.92 -3.77 -18.99
N GLU A 44 -3.97 -4.68 -18.91
CA GLU A 44 -4.11 -5.96 -18.18
C GLU A 44 -3.28 -5.91 -16.90
N ILE A 45 -3.89 -6.05 -15.75
CA ILE A 45 -3.20 -6.15 -14.44
C ILE A 45 -2.86 -7.62 -14.28
N LEU A 46 -1.57 -7.93 -14.21
CA LEU A 46 -1.07 -9.33 -14.28
C LEU A 46 -1.09 -9.99 -12.90
N ASN A 47 -1.41 -11.28 -12.92
CA ASN A 47 -1.42 -12.15 -11.72
C ASN A 47 0.02 -12.58 -11.48
N ASN A 48 0.46 -12.70 -10.22
CA ASN A 48 1.75 -13.35 -9.86
C ASN A 48 1.57 -14.89 -9.94
N GLU A 49 2.63 -15.66 -9.68
CA GLU A 49 2.63 -17.15 -9.83
C GLU A 49 1.57 -17.76 -8.90
N LEU A 50 1.10 -17.05 -7.87
CA LEU A 50 0.04 -17.55 -6.93
C LEU A 50 -1.36 -17.10 -7.37
N GLY A 51 -1.52 -16.45 -8.52
CA GLY A 51 -2.85 -16.01 -9.01
C GLY A 51 -3.37 -14.75 -8.34
N ASN A 52 -2.51 -13.86 -7.83
CA ASN A 52 -2.98 -12.59 -7.19
C ASN A 52 -2.51 -11.41 -8.04
N ARG A 53 -3.33 -10.34 -8.07
CA ARG A 53 -3.08 -9.14 -8.88
C ARG A 53 -2.26 -8.13 -8.06
N ILE A 54 -2.14 -8.30 -6.75
CA ILE A 54 -1.21 -7.54 -5.88
C ILE A 54 -0.24 -8.54 -5.20
N THR A 55 1.02 -8.12 -5.03
CA THR A 55 2.17 -8.86 -4.45
C THR A 55 2.67 -8.09 -3.22
N PRO A 56 2.68 -8.70 -2.02
CA PRO A 56 3.21 -8.04 -0.83
C PRO A 56 4.65 -7.59 -1.08
N SER A 57 4.99 -6.37 -0.70
CA SER A 57 6.35 -5.81 -0.95
C SER A 57 7.26 -6.30 0.18
N TYR A 58 7.49 -7.61 0.21
CA TYR A 58 8.25 -8.29 1.28
C TYR A 58 9.40 -9.08 0.62
N VAL A 59 10.55 -9.09 1.27
CA VAL A 59 11.73 -9.90 0.87
C VAL A 59 12.25 -10.57 2.13
N SER A 60 12.39 -11.89 2.11
CA SER A 60 12.92 -12.65 3.27
C SER A 60 14.29 -13.25 2.94
N PHE A 61 15.15 -13.29 3.97
CA PHE A 61 16.54 -13.79 3.90
C PHE A 61 16.77 -14.84 5.00
N VAL A 62 16.21 -16.02 4.82
CA VAL A 62 16.14 -17.12 5.84
C VAL A 62 16.83 -18.35 5.26
N ASP A 63 17.69 -19.03 6.02
CA ASP A 63 18.16 -20.40 5.67
C ASP A 63 18.88 -20.41 4.33
N GLY A 64 19.62 -19.35 3.98
CA GLY A 64 20.32 -19.36 2.68
C GLY A 64 19.42 -19.01 1.48
N GLU A 65 18.09 -18.91 1.59
CA GLU A 65 17.23 -18.60 0.41
C GLU A 65 16.64 -17.19 0.51
N ARG A 66 16.41 -16.60 -0.65
CA ARG A 66 15.80 -15.28 -0.77
C ARG A 66 14.41 -15.47 -1.37
N LYS A 67 13.37 -15.02 -0.68
CA LYS A 67 11.97 -15.09 -1.18
C LYS A 67 11.46 -13.66 -1.37
N VAL A 68 10.55 -13.46 -2.33
CA VAL A 68 9.92 -12.15 -2.66
C VAL A 68 8.40 -12.36 -2.75
N GLY A 69 7.62 -11.50 -2.11
CA GLY A 69 6.15 -11.54 -2.20
C GLY A 69 5.53 -12.34 -1.09
N GLU A 70 4.47 -13.11 -1.39
CA GLU A 70 3.66 -13.72 -0.31
C GLU A 70 4.52 -14.73 0.48
N ALA A 71 5.36 -15.50 -0.19
CA ALA A 71 6.22 -16.51 0.45
C ALA A 71 7.14 -15.80 1.45
N ALA A 72 7.62 -14.58 1.14
CA ALA A 72 8.46 -13.80 2.08
C ALA A 72 7.59 -13.35 3.26
N LYS A 73 6.40 -12.84 2.97
CA LYS A 73 5.52 -12.33 4.03
C LYS A 73 5.22 -13.46 5.03
N LEU A 74 5.09 -14.68 4.57
CA LEU A 74 4.74 -15.82 5.48
C LEU A 74 5.92 -16.11 6.43
N GLU A 75 7.17 -15.74 6.09
CA GLU A 75 8.35 -15.89 6.97
C GLU A 75 8.35 -14.90 8.14
N ALA A 76 7.59 -13.81 8.08
CA ALA A 76 7.66 -12.73 9.09
C ALA A 76 7.39 -13.27 10.50
N THR A 77 6.50 -14.23 10.66
CA THR A 77 6.04 -14.66 12.02
C THR A 77 7.21 -15.34 12.74
N LEU A 78 7.83 -16.33 12.12
CA LEU A 78 8.94 -17.08 12.77
C LEU A 78 10.29 -16.40 12.54
N HIS A 79 10.48 -15.57 11.51
CA HIS A 79 11.79 -14.92 11.21
C HIS A 79 11.69 -13.41 11.05
N PRO A 80 11.21 -12.67 12.09
CA PRO A 80 10.86 -11.25 11.94
C PRO A 80 12.09 -10.39 11.61
N THR A 81 13.31 -10.80 12.02
CA THR A 81 14.54 -9.98 11.82
C THR A 81 15.05 -10.14 10.38
N GLN A 82 14.63 -11.18 9.68
CA GLN A 82 15.14 -11.57 8.36
C GLN A 82 14.11 -11.19 7.29
N THR A 83 12.97 -10.61 7.67
CA THR A 83 11.85 -10.44 6.73
C THR A 83 11.66 -8.95 6.54
N VAL A 84 12.07 -8.47 5.40
CA VAL A 84 12.19 -7.01 5.14
C VAL A 84 10.92 -6.55 4.42
N PHE A 85 10.34 -5.44 4.87
CA PHE A 85 9.12 -4.83 4.26
C PHE A 85 9.11 -3.33 4.58
N ASP A 86 8.14 -2.59 4.02
CA ASP A 86 7.93 -1.14 4.28
C ASP A 86 9.19 -0.34 3.91
N VAL A 87 10.02 -0.86 3.01
CA VAL A 87 11.27 -0.14 2.64
C VAL A 87 10.95 1.22 1.99
N LYS A 88 9.74 1.40 1.47
CA LYS A 88 9.36 2.67 0.83
C LYS A 88 9.40 3.79 1.87
N ARG A 89 9.22 3.46 3.13
CA ARG A 89 9.33 4.42 4.26
C ARG A 89 10.78 4.91 4.42
N LEU A 90 11.78 4.21 3.91
CA LEU A 90 13.19 4.59 4.17
C LEU A 90 13.83 5.17 2.91
N ILE A 91 13.35 4.78 1.72
CA ILE A 91 14.06 5.01 0.44
C ILE A 91 14.31 6.53 0.26
N GLY A 92 15.56 6.92 -0.04
CA GLY A 92 15.99 8.28 -0.32
C GLY A 92 15.98 9.16 0.91
N ARG A 93 15.78 8.61 2.11
CA ARG A 93 15.78 9.45 3.34
C ARG A 93 17.16 9.38 4.04
N LYS A 94 17.31 10.12 5.13
CA LYS A 94 18.54 10.16 5.98
C LYS A 94 18.24 9.44 7.28
N PHE A 95 19.25 8.79 7.86
CA PHE A 95 19.09 7.98 9.10
C PHE A 95 18.52 8.82 10.25
N ASP A 96 18.90 10.08 10.36
CA ASP A 96 18.50 10.97 11.48
C ASP A 96 17.20 11.73 11.15
N ASP A 97 16.59 11.58 9.97
CA ASP A 97 15.23 12.14 9.74
C ASP A 97 14.30 11.62 10.84
N GLN A 98 13.47 12.51 11.39
CA GLN A 98 12.46 12.22 12.44
C GLN A 98 11.59 11.03 12.01
N GLU A 99 11.14 10.98 10.75
CA GLU A 99 10.27 9.85 10.29
C GLU A 99 11.07 8.54 10.32
N VAL A 100 12.36 8.56 10.01
CA VAL A 100 13.17 7.30 9.95
C VAL A 100 13.46 6.82 11.39
N VAL A 101 13.73 7.74 12.33
CA VAL A 101 13.92 7.45 13.78
C VAL A 101 12.68 6.72 14.30
N LYS A 102 11.49 7.25 14.01
CA LYS A 102 10.21 6.59 14.36
C LYS A 102 10.10 5.21 13.69
N ASP A 103 10.38 5.05 12.40
CA ASP A 103 10.27 3.74 11.72
C ASP A 103 11.29 2.73 12.27
N ARG A 104 12.52 3.14 12.61
CA ARG A 104 13.50 2.20 13.20
C ARG A 104 12.91 1.58 14.47
N SER A 105 12.26 2.39 15.30
CA SER A 105 11.58 1.89 16.53
C SER A 105 10.39 1.00 16.19
N LEU A 106 9.77 1.05 15.00
CA LEU A 106 8.60 0.17 14.70
C LEU A 106 9.01 -1.09 13.92
N LEU A 107 10.10 -1.08 13.15
CA LEU A 107 10.43 -2.17 12.22
C LEU A 107 11.30 -3.20 12.92
N PRO A 108 11.06 -4.50 12.74
CA PRO A 108 11.81 -5.53 13.48
C PRO A 108 13.13 -6.01 12.84
N TYR A 109 13.44 -5.65 11.60
CA TYR A 109 14.73 -5.92 10.94
C TYR A 109 15.64 -4.75 11.31
N GLU A 110 16.94 -5.03 11.42
CA GLU A 110 17.93 -4.00 11.81
C GLU A 110 18.13 -2.95 10.69
N ILE A 111 18.08 -1.67 11.06
CA ILE A 111 18.41 -0.52 10.18
C ILE A 111 19.69 0.12 10.72
N VAL A 112 20.71 0.28 9.89
CA VAL A 112 22.05 0.86 10.25
C VAL A 112 22.24 2.17 9.51
N ASN A 113 23.16 2.96 10.03
CA ASN A 113 23.56 4.28 9.51
C ASN A 113 24.74 4.04 8.56
N ASN A 114 24.52 4.10 7.26
CA ASN A 114 25.60 4.04 6.24
C ASN A 114 25.81 5.43 5.67
N GLN A 115 26.78 6.15 6.23
CA GLN A 115 27.17 7.51 5.77
C GLN A 115 25.95 8.44 5.78
N GLY A 116 25.16 8.44 6.85
CA GLY A 116 24.02 9.37 6.98
C GLY A 116 22.69 8.77 6.46
N LYS A 117 22.70 7.60 5.81
CA LYS A 117 21.51 6.98 5.14
C LYS A 117 21.13 5.65 5.78
N PRO A 118 19.82 5.31 5.85
CA PRO A 118 19.41 4.07 6.52
C PRO A 118 19.73 2.93 5.54
N ASN A 119 20.38 1.88 6.01
CA ASN A 119 20.49 0.62 5.25
C ASN A 119 19.89 -0.51 6.09
N ILE A 120 19.61 -1.62 5.46
CA ILE A 120 18.90 -2.75 6.08
C ILE A 120 19.98 -3.79 6.31
N LYS A 121 20.05 -4.39 7.48
CA LYS A 121 21.04 -5.45 7.77
C LYS A 121 20.29 -6.71 8.13
N VAL A 122 20.63 -7.79 7.47
CA VAL A 122 20.11 -9.16 7.69
C VAL A 122 21.30 -10.12 7.60
N GLN A 123 21.00 -11.40 7.73
CA GLN A 123 22.02 -12.47 7.62
C GLN A 123 21.64 -13.38 6.47
N ILE A 124 22.63 -13.71 5.66
CA ILE A 124 22.51 -14.75 4.62
C ILE A 124 23.55 -15.82 4.97
N LYS A 125 23.12 -17.04 5.24
CA LYS A 125 23.95 -18.15 5.81
C LYS A 125 24.80 -17.57 6.95
N ASP A 126 24.17 -16.84 7.88
CA ASP A 126 24.79 -16.35 9.14
C ASP A 126 25.67 -15.13 8.90
N LYS A 127 25.98 -14.78 7.64
CA LYS A 127 26.83 -13.60 7.34
C LYS A 127 26.03 -12.29 7.38
N ASP A 128 26.54 -11.29 8.08
CA ASP A 128 25.97 -9.93 8.01
C ASP A 128 26.03 -9.45 6.55
N THR A 129 24.91 -8.98 6.03
CA THR A 129 24.74 -8.38 4.68
C THR A 129 23.87 -7.12 4.81
N THR A 130 24.35 -6.01 4.26
N THR A 130 24.37 -6.01 4.30
CA THR A 130 23.68 -4.69 4.34
CA THR A 130 23.66 -4.71 4.30
C THR A 130 23.18 -4.28 2.94
C THR A 130 23.10 -4.43 2.90
N PHE A 131 21.93 -3.81 2.86
CA PHE A 131 21.25 -3.40 1.62
C PHE A 131 20.80 -1.95 1.75
N ALA A 132 21.02 -1.18 0.70
CA ALA A 132 20.31 0.12 0.53
C ALA A 132 18.82 -0.19 0.33
N PRO A 133 17.89 0.69 0.77
CA PRO A 133 16.47 0.51 0.45
C PRO A 133 16.23 0.21 -1.05
N GLU A 134 17.00 0.87 -1.93
CA GLU A 134 16.78 0.75 -3.37
C GLU A 134 17.15 -0.65 -3.82
N GLN A 135 18.05 -1.35 -3.10
CA GLN A 135 18.41 -2.73 -3.43
C GLN A 135 17.25 -3.67 -3.06
N ILE A 136 16.53 -3.39 -1.99
CA ILE A 136 15.35 -4.25 -1.63
C ILE A 136 14.20 -3.97 -2.62
N SER A 137 13.92 -2.71 -2.90
CA SER A 137 12.87 -2.32 -3.89
C SER A 137 13.17 -2.88 -5.27
N ALA A 138 14.46 -2.97 -5.63
CA ALA A 138 14.88 -3.57 -6.91
C ALA A 138 14.42 -5.02 -6.95
N MET A 139 14.46 -5.73 -5.81
CA MET A 139 14.06 -7.15 -5.83
C MET A 139 12.54 -7.27 -6.07
N VAL A 140 11.76 -6.37 -5.50
CA VAL A 140 10.29 -6.28 -5.78
C VAL A 140 10.09 -5.95 -7.26
N LEU A 141 10.80 -4.94 -7.78
CA LEU A 141 10.64 -4.51 -9.21
C LEU A 141 11.01 -5.67 -10.13
N GLU A 142 11.99 -6.46 -9.74
CA GLU A 142 12.47 -7.61 -10.53
C GLU A 142 11.37 -8.67 -10.65
N LYS A 143 10.68 -9.00 -9.58
CA LYS A 143 9.52 -9.91 -9.59
C LYS A 143 8.40 -9.32 -10.48
N MET A 144 8.14 -8.03 -10.40
CA MET A 144 7.08 -7.41 -11.23
C MET A 144 7.51 -7.57 -12.69
N LYS A 145 8.80 -7.38 -12.97
CA LYS A 145 9.34 -7.42 -14.33
C LYS A 145 9.19 -8.83 -14.92
N GLU A 146 9.49 -9.84 -14.12
CA GLU A 146 9.42 -11.27 -14.51
C GLU A 146 7.97 -11.67 -14.78
N ILE A 147 7.00 -11.20 -13.98
CA ILE A 147 5.53 -11.43 -14.27
C ILE A 147 5.25 -10.87 -15.66
N ALA A 148 5.65 -9.63 -15.94
CA ALA A 148 5.43 -8.98 -17.25
C ALA A 148 6.03 -9.82 -18.38
N GLN A 149 7.27 -10.23 -18.20
CA GLN A 149 8.13 -10.87 -19.24
C GLN A 149 7.54 -12.22 -19.65
N SER A 150 7.13 -13.03 -18.68
CA SER A 150 6.51 -14.34 -18.94
C SER A 150 5.16 -14.15 -19.65
N PHE A 151 4.32 -13.20 -19.20
CA PHE A 151 3.01 -12.87 -19.84
C PHE A 151 3.23 -12.38 -21.27
N LEU A 152 4.16 -11.47 -21.50
CA LEU A 152 4.40 -10.90 -22.85
C LEU A 152 5.23 -11.87 -23.71
N GLY A 153 5.88 -12.88 -23.12
CA GLY A 153 6.87 -13.77 -23.76
C GLY A 153 8.03 -13.01 -24.38
N LYS A 154 8.54 -11.99 -23.69
CA LYS A 154 9.46 -10.98 -24.28
C LYS A 154 10.29 -10.34 -23.18
N PRO A 155 11.56 -9.95 -23.42
CA PRO A 155 12.30 -9.13 -22.44
C PRO A 155 11.58 -7.79 -22.23
N VAL A 156 11.53 -7.32 -20.98
CA VAL A 156 11.02 -5.97 -20.59
C VAL A 156 12.19 -5.17 -20.04
N LYS A 157 12.47 -3.99 -20.62
CA LYS A 157 13.61 -3.14 -20.21
C LYS A 157 13.11 -1.78 -19.73
N ASN A 158 11.81 -1.46 -19.89
CA ASN A 158 11.30 -0.08 -19.67
C ASN A 158 10.04 -0.10 -18.80
N ALA A 159 9.86 0.89 -17.94
CA ALA A 159 8.68 0.89 -17.05
C ALA A 159 8.30 2.33 -16.74
N VAL A 160 7.02 2.54 -16.46
CA VAL A 160 6.51 3.70 -15.71
C VAL A 160 6.32 3.24 -14.27
N VAL A 161 6.83 4.00 -13.31
CA VAL A 161 6.72 3.65 -11.87
C VAL A 161 6.13 4.84 -11.14
N THR A 162 5.27 4.56 -10.19
CA THR A 162 4.57 5.59 -9.39
C THR A 162 5.35 5.89 -8.10
N VAL A 163 5.19 7.10 -7.62
CA VAL A 163 5.66 7.56 -6.31
C VAL A 163 4.58 8.39 -5.70
N PRO A 164 4.59 8.53 -4.36
CA PRO A 164 3.75 9.51 -3.70
C PRO A 164 4.06 10.93 -4.18
N ALA A 165 3.05 11.81 -4.22
CA ALA A 165 3.19 13.22 -4.70
C ALA A 165 4.15 13.96 -3.75
N TYR A 166 4.29 13.53 -2.51
CA TYR A 166 5.14 14.24 -1.52
C TYR A 166 6.61 13.79 -1.68
N PHE A 167 6.94 12.80 -2.53
CA PHE A 167 8.33 12.33 -2.68
C PHE A 167 9.20 13.48 -3.21
N ASN A 168 10.39 13.70 -2.61
CA ASN A 168 11.34 14.76 -3.05
C ASN A 168 12.28 14.18 -4.10
N ASP A 169 13.24 14.97 -4.58
CA ASP A 169 14.09 14.50 -5.70
C ASP A 169 14.94 13.31 -5.23
N ALA A 170 15.39 13.28 -3.98
CA ALA A 170 16.22 12.13 -3.51
C ALA A 170 15.33 10.87 -3.45
N GLN A 171 14.07 10.98 -3.05
CA GLN A 171 13.19 9.76 -2.97
C GLN A 171 12.91 9.24 -4.39
N ARG A 172 12.63 10.13 -5.35
CA ARG A 172 12.42 9.80 -6.78
C ARG A 172 13.68 9.25 -7.38
N GLN A 173 14.85 9.83 -7.08
CA GLN A 173 16.10 9.29 -7.69
C GLN A 173 16.40 7.87 -7.15
N ALA A 174 16.22 7.64 -5.84
CA ALA A 174 16.45 6.28 -5.30
C ALA A 174 15.45 5.27 -5.90
N THR A 175 14.20 5.68 -6.18
CA THR A 175 13.23 4.79 -6.89
C THR A 175 13.76 4.49 -8.32
N LYS A 176 14.25 5.50 -9.04
CA LYS A 176 14.85 5.26 -10.37
C LYS A 176 16.03 4.30 -10.25
N ASP A 177 16.86 4.45 -9.22
CA ASP A 177 18.06 3.59 -9.03
C ASP A 177 17.61 2.17 -8.73
N ALA A 178 16.52 1.98 -7.99
CA ALA A 178 15.96 0.61 -7.81
C ALA A 178 15.61 0.00 -9.17
N GLY A 179 14.99 0.79 -10.04
CA GLY A 179 14.73 0.34 -11.42
C GLY A 179 16.00 -0.11 -12.13
N THR A 180 17.03 0.71 -12.18
CA THR A 180 18.33 0.39 -12.86
C THR A 180 18.89 -0.94 -12.32
N ILE A 181 18.89 -1.19 -11.02
CA ILE A 181 19.38 -2.46 -10.40
C ILE A 181 18.49 -3.59 -10.93
N ALA A 182 17.19 -3.36 -11.06
CA ALA A 182 16.30 -4.44 -11.50
C ALA A 182 16.38 -4.64 -13.03
N GLY A 183 17.20 -3.90 -13.78
CA GLY A 183 17.30 -3.97 -15.25
C GLY A 183 16.14 -3.22 -15.93
N LEU A 184 15.53 -2.25 -15.25
CA LEU A 184 14.43 -1.42 -15.81
C LEU A 184 14.93 0.01 -15.96
N ASN A 185 14.87 0.52 -17.18
CA ASN A 185 14.90 1.99 -17.43
C ASN A 185 13.52 2.51 -17.00
N ILE A 186 13.46 3.33 -15.96
CA ILE A 186 12.19 3.99 -15.55
C ILE A 186 12.06 5.21 -16.46
N VAL A 187 11.26 5.08 -17.52
CA VAL A 187 11.20 6.13 -18.57
C VAL A 187 10.40 7.30 -18.02
N ARG A 188 9.58 7.08 -16.99
CA ARG A 188 8.79 8.18 -16.40
C ARG A 188 8.41 7.76 -14.97
N ILE A 189 8.59 8.69 -14.06
CA ILE A 189 8.06 8.62 -12.69
C ILE A 189 6.80 9.46 -12.71
N ILE A 190 5.66 8.95 -12.26
CA ILE A 190 4.46 9.82 -12.15
C ILE A 190 3.95 9.67 -10.74
N ASN A 191 3.28 10.70 -10.28
CA ASN A 191 2.75 10.61 -8.91
C ASN A 191 1.45 9.80 -8.89
N GLU A 192 1.15 9.24 -7.73
CA GLU A 192 0.01 8.35 -7.47
C GLU A 192 -1.29 9.09 -7.77
N PRO A 193 -1.50 10.37 -7.42
CA PRO A 193 -2.76 11.02 -7.81
C PRO A 193 -3.03 11.13 -9.32
N THR A 194 -1.99 11.45 -10.09
CA THR A 194 -2.00 11.49 -11.56
C THR A 194 -2.32 10.10 -12.10
N ALA A 195 -1.65 9.08 -11.60
CA ALA A 195 -1.93 7.67 -12.03
C ALA A 195 -3.43 7.34 -11.84
N ALA A 196 -4.00 7.70 -10.70
CA ALA A 196 -5.43 7.50 -10.38
C ALA A 196 -6.29 8.30 -11.36
N ALA A 197 -5.95 9.54 -11.64
CA ALA A 197 -6.72 10.40 -12.57
C ALA A 197 -6.74 9.75 -13.97
N LEU A 198 -5.63 9.16 -14.41
CA LEU A 198 -5.52 8.47 -15.71
C LEU A 198 -6.36 7.19 -15.65
N ALA A 199 -6.34 6.46 -14.55
CA ALA A 199 -7.06 5.17 -14.52
C ALA A 199 -8.58 5.44 -14.65
N TYR A 200 -9.09 6.46 -14.00
CA TYR A 200 -10.53 6.83 -13.93
C TYR A 200 -10.91 7.67 -15.14
N GLY A 201 -9.92 7.92 -15.99
CA GLY A 201 -10.04 8.61 -17.27
C GLY A 201 -10.59 9.99 -17.10
N LEU A 202 -10.24 10.69 -16.02
CA LEU A 202 -10.81 12.03 -15.75
C LEU A 202 -10.53 12.86 -17.01
N ASP A 203 -11.59 13.41 -17.64
CA ASP A 203 -11.51 14.28 -18.85
C ASP A 203 -10.40 15.33 -18.63
N LYS A 204 -9.53 15.44 -19.63
CA LYS A 204 -8.29 16.22 -19.60
C LYS A 204 -8.55 17.64 -20.12
N LYS A 205 -9.69 17.88 -20.79
CA LYS A 205 -10.09 19.21 -21.35
C LYS A 205 -10.63 20.13 -20.23
N GLU A 206 -10.48 21.45 -20.42
CA GLU A 206 -10.93 22.48 -19.45
C GLU A 206 -10.23 22.20 -18.13
N GLU A 207 -10.70 22.81 -17.05
CA GLU A 207 -10.06 22.75 -15.72
C GLU A 207 -10.97 21.93 -14.76
N THR A 208 -10.43 20.96 -14.02
CA THR A 208 -11.12 20.16 -12.95
C THR A 208 -10.19 20.09 -11.71
N SER A 209 -10.72 20.35 -10.50
CA SER A 209 -10.08 20.21 -9.16
C SER A 209 -10.55 18.91 -8.50
N ILE A 210 -9.66 17.93 -8.32
CA ILE A 210 -9.98 16.55 -7.85
C ILE A 210 -9.33 16.33 -6.47
N LEU A 211 -10.09 15.80 -5.51
CA LEU A 211 -9.52 15.28 -4.24
C LEU A 211 -9.22 13.79 -4.41
N VAL A 212 -7.93 13.41 -4.39
CA VAL A 212 -7.56 11.98 -4.44
C VAL A 212 -7.34 11.52 -2.99
N TYR A 213 -8.23 10.67 -2.49
CA TYR A 213 -8.21 10.11 -1.10
C TYR A 213 -7.70 8.69 -1.23
N ASP A 214 -6.50 8.43 -0.72
CA ASP A 214 -5.74 7.18 -0.96
C ASP A 214 -5.48 6.48 0.37
N LEU A 215 -6.30 5.50 0.70
CA LEU A 215 -6.20 4.84 2.02
C LEU A 215 -5.81 3.40 1.70
N GLY A 216 -4.55 3.08 1.97
CA GLY A 216 -3.94 1.76 1.67
C GLY A 216 -3.90 0.86 2.89
N GLY A 217 -3.00 -0.13 2.87
CA GLY A 217 -2.74 -1.06 3.99
C GLY A 217 -2.01 -0.37 5.12
N GLY A 218 -1.05 0.51 4.85
CA GLY A 218 -0.22 1.08 5.93
C GLY A 218 -0.25 2.59 6.00
N THR A 219 -0.68 3.27 4.94
CA THR A 219 -0.54 4.74 4.84
C THR A 219 -1.81 5.38 4.28
N PHE A 220 -2.00 6.64 4.62
CA PHE A 220 -3.12 7.47 4.18
C PHE A 220 -2.49 8.68 3.50
N ASP A 221 -2.88 8.96 2.27
CA ASP A 221 -2.49 10.18 1.51
C ASP A 221 -3.72 10.85 0.96
N VAL A 222 -3.74 12.17 1.02
CA VAL A 222 -4.79 12.91 0.28
C VAL A 222 -4.11 14.04 -0.48
N SER A 223 -4.59 14.30 -1.70
CA SER A 223 -4.03 15.34 -2.60
C SER A 223 -5.16 16.14 -3.24
N ILE A 224 -4.92 17.39 -3.54
CA ILE A 224 -5.73 18.15 -4.51
C ILE A 224 -4.97 18.14 -5.83
N LEU A 225 -5.53 17.47 -6.80
CA LEU A 225 -4.97 17.41 -8.15
C LEU A 225 -5.78 18.32 -9.05
N VAL A 226 -5.14 19.24 -9.76
CA VAL A 226 -5.89 19.98 -10.80
C VAL A 226 -5.44 19.58 -12.18
N ILE A 227 -6.45 19.27 -13.00
CA ILE A 227 -6.25 18.90 -14.41
C ILE A 227 -6.67 20.12 -15.22
N ASP A 228 -5.79 20.58 -16.08
CA ASP A 228 -6.02 21.83 -16.86
C ASP A 228 -5.53 21.58 -18.27
N ASN A 229 -6.46 21.27 -19.16
CA ASN A 229 -6.16 21.10 -20.62
C ASN A 229 -5.04 20.06 -20.76
N GLY A 230 -5.15 18.92 -20.05
CA GLY A 230 -4.24 17.77 -20.15
C GLY A 230 -2.98 17.88 -19.26
N VAL A 231 -2.80 18.97 -18.54
CA VAL A 231 -1.64 19.17 -17.64
C VAL A 231 -2.14 18.88 -16.22
N PHE A 232 -1.46 17.97 -15.56
CA PHE A 232 -1.80 17.49 -14.19
C PHE A 232 -0.92 18.22 -13.18
N GLU A 233 -1.48 18.80 -12.14
CA GLU A 233 -0.62 19.41 -11.08
C GLU A 233 -1.26 19.08 -9.74
N VAL A 234 -0.46 18.54 -8.83
CA VAL A 234 -0.85 18.41 -7.40
C VAL A 234 -0.58 19.73 -6.66
N TYR A 235 -1.64 20.45 -6.26
CA TYR A 235 -1.61 21.78 -5.62
C TYR A 235 -1.33 21.63 -4.13
N ALA A 236 -1.65 20.50 -3.53
CA ALA A 236 -1.41 20.28 -2.08
C ALA A 236 -1.53 18.79 -1.78
N THR A 237 -0.81 18.36 -0.78
CA THR A 237 -0.80 16.96 -0.33
C THR A 237 -0.65 16.97 1.19
N ALA A 238 -1.22 15.98 1.85
CA ALA A 238 -1.06 15.72 3.31
C ALA A 238 -1.46 14.27 3.55
N GLY A 239 -1.23 13.74 4.72
CA GLY A 239 -1.60 12.34 5.01
C GLY A 239 -1.21 11.95 6.40
N ASN A 240 -1.15 10.63 6.61
CA ASN A 240 -0.77 10.03 7.92
C ASN A 240 -0.04 8.76 7.51
N THR A 241 1.27 8.72 7.78
CA THR A 241 2.19 7.64 7.36
C THR A 241 1.89 6.38 8.18
N HIS A 242 1.14 6.45 9.28
CA HIS A 242 0.83 5.28 10.13
C HIS A 242 -0.70 5.11 10.29
N LEU A 243 -1.47 5.14 9.20
CA LEU A 243 -2.94 4.99 9.24
C LEU A 243 -3.34 4.24 7.97
N GLY A 244 -3.79 3.00 8.09
CA GLY A 244 -4.26 2.19 6.96
C GLY A 244 -5.04 1.01 7.42
N GLY A 245 -5.37 0.13 6.48
CA GLY A 245 -6.13 -1.09 6.74
C GLY A 245 -5.53 -1.94 7.86
N GLU A 246 -4.20 -2.03 7.94
CA GLU A 246 -3.51 -2.89 8.95
C GLU A 246 -3.84 -2.39 10.37
N ASP A 247 -4.00 -1.08 10.55
CA ASP A 247 -4.40 -0.47 11.85
C ASP A 247 -5.83 -0.86 12.23
N PHE A 248 -6.75 -0.92 11.27
CA PHE A 248 -8.15 -1.32 11.52
C PHE A 248 -8.11 -2.80 11.95
N ASP A 249 -7.30 -3.64 11.30
CA ASP A 249 -7.19 -5.07 11.67
C ASP A 249 -6.67 -5.15 13.13
N GLN A 250 -5.69 -4.36 13.46
CA GLN A 250 -5.04 -4.45 14.79
C GLN A 250 -6.07 -4.06 15.88
N ARG A 251 -6.96 -3.09 15.61
CA ARG A 251 -7.99 -2.74 16.59
C ARG A 251 -8.88 -3.96 16.85
N VAL A 252 -9.16 -4.74 15.81
CA VAL A 252 -10.05 -5.92 15.95
C VAL A 252 -9.30 -7.01 16.74
N MET A 253 -8.05 -7.23 16.39
CA MET A 253 -7.18 -8.25 17.03
C MET A 253 -7.14 -7.91 18.52
N ASP A 254 -6.91 -6.65 18.85
CA ASP A 254 -6.80 -6.23 20.28
C ASP A 254 -8.09 -6.60 21.02
N TYR A 255 -9.23 -6.36 20.39
CA TYR A 255 -10.53 -6.69 20.99
C TYR A 255 -10.64 -8.21 21.24
N PHE A 256 -10.37 -9.01 20.23
CA PHE A 256 -10.60 -10.48 20.34
C PHE A 256 -9.55 -11.14 21.25
N ILE A 257 -8.36 -10.59 21.28
CA ILE A 257 -7.31 -11.11 22.21
C ILE A 257 -7.79 -10.89 23.64
N LYS A 258 -8.28 -9.69 23.94
CA LYS A 258 -8.87 -9.40 25.27
C LYS A 258 -10.05 -10.34 25.54
N MET A 259 -10.95 -10.56 24.59
CA MET A 259 -12.16 -11.39 24.85
C MET A 259 -11.71 -12.85 25.10
N PHE A 260 -10.78 -13.35 24.30
CA PHE A 260 -10.37 -14.76 24.40
C PHE A 260 -9.70 -15.00 25.79
N LYS A 261 -8.94 -14.04 26.27
CA LYS A 261 -8.33 -14.08 27.63
C LYS A 261 -9.45 -14.11 28.69
N LYS A 262 -10.47 -13.24 28.56
CA LYS A 262 -11.59 -13.18 29.55
C LYS A 262 -12.29 -14.53 29.60
N LYS A 263 -12.54 -15.16 28.46
CA LYS A 263 -13.37 -16.39 28.44
C LYS A 263 -12.57 -17.63 28.78
N ASN A 264 -11.32 -17.72 28.33
CA ASN A 264 -10.59 -19.00 28.30
C ASN A 264 -9.33 -18.96 29.17
N ASN A 265 -8.95 -17.81 29.72
CA ASN A 265 -7.68 -17.63 30.47
C ASN A 265 -6.45 -17.95 29.59
N ILE A 266 -6.55 -17.75 28.27
CA ILE A 266 -5.45 -17.89 27.30
C ILE A 266 -5.19 -16.51 26.69
N ASP A 267 -3.96 -16.03 26.80
CA ASP A 267 -3.47 -14.78 26.17
C ASP A 267 -2.82 -15.16 24.85
N LEU A 268 -3.52 -14.96 23.73
CA LEU A 268 -3.02 -15.48 22.41
C LEU A 268 -1.69 -14.84 22.03
N ARG A 269 -1.36 -13.67 22.56
CA ARG A 269 -0.05 -13.02 22.30
C ARG A 269 1.11 -13.93 22.74
N THR A 270 0.90 -14.90 23.63
CA THR A 270 1.98 -15.80 24.10
C THR A 270 2.30 -16.81 23.02
N ASP A 271 1.52 -16.88 21.93
CA ASP A 271 1.82 -17.82 20.82
C ASP A 271 1.77 -17.06 19.47
N LYS A 272 2.92 -16.86 18.85
CA LYS A 272 3.07 -16.05 17.60
C LYS A 272 2.31 -16.74 16.47
N ARG A 273 2.30 -18.06 16.44
CA ARG A 273 1.52 -18.81 15.43
C ARG A 273 0.01 -18.58 15.62
N ALA A 274 -0.48 -18.49 16.85
CA ALA A 274 -1.92 -18.27 17.13
C ALA A 274 -2.27 -16.90 16.57
N ILE A 275 -1.44 -15.90 16.88
CA ILE A 275 -1.62 -14.51 16.41
C ILE A 275 -1.68 -14.48 14.89
N GLN A 276 -0.77 -15.18 14.21
CA GLN A 276 -0.70 -15.21 12.71
C GLN A 276 -2.03 -15.78 12.18
N LYS A 277 -2.52 -16.88 12.74
CA LYS A 277 -3.76 -17.50 12.23
C LYS A 277 -4.93 -16.53 12.49
N LEU A 278 -4.98 -15.86 13.63
CA LEU A 278 -6.12 -14.98 13.94
C LEU A 278 -6.11 -13.79 12.98
N ARG A 279 -4.92 -13.22 12.75
CA ARG A 279 -4.72 -12.02 11.91
C ARG A 279 -5.22 -12.33 10.49
N LYS A 280 -4.94 -13.51 9.96
CA LYS A 280 -5.44 -13.86 8.61
C LYS A 280 -6.97 -13.84 8.61
N GLU A 281 -7.62 -14.46 9.60
CA GLU A 281 -9.11 -14.57 9.63
C GLU A 281 -9.72 -13.20 9.88
N VAL A 282 -9.09 -12.38 10.73
CA VAL A 282 -9.60 -11.00 11.05
C VAL A 282 -9.55 -10.17 9.75
N GLU A 283 -8.47 -10.27 8.99
CA GLU A 283 -8.31 -9.51 7.72
C GLU A 283 -9.47 -9.89 6.81
N ILE A 284 -9.75 -11.18 6.70
CA ILE A 284 -10.85 -11.69 5.84
C ILE A 284 -12.19 -11.19 6.38
N ALA A 285 -12.40 -11.18 7.70
CA ALA A 285 -13.69 -10.74 8.30
C ALA A 285 -13.92 -9.27 7.98
N LYS A 286 -12.88 -8.44 8.11
CA LYS A 286 -13.00 -7.01 7.78
C LYS A 286 -13.53 -6.82 6.33
N ARG A 287 -12.90 -7.49 5.39
CA ARG A 287 -13.23 -7.39 3.95
C ARG A 287 -14.68 -7.81 3.76
N ASN A 288 -15.11 -8.86 4.42
CA ASN A 288 -16.52 -9.32 4.29
C ASN A 288 -17.44 -8.21 4.78
N LEU A 289 -17.07 -7.53 5.84
CA LEU A 289 -17.95 -6.58 6.52
C LEU A 289 -18.06 -5.29 5.71
N SER A 290 -17.36 -5.20 4.59
CA SER A 290 -17.61 -4.15 3.57
C SER A 290 -18.84 -4.48 2.74
N VAL A 291 -19.37 -5.71 2.84
CA VAL A 291 -20.53 -6.15 2.03
C VAL A 291 -21.65 -6.65 2.95
N VAL A 292 -21.36 -7.53 3.92
CA VAL A 292 -22.39 -8.03 4.88
C VAL A 292 -22.29 -7.28 6.20
N HIS A 293 -23.19 -7.61 7.12
CA HIS A 293 -23.37 -6.93 8.41
C HIS A 293 -22.78 -7.77 9.53
N SER A 294 -22.60 -9.05 9.31
CA SER A 294 -22.15 -9.98 10.36
C SER A 294 -21.33 -11.08 9.73
N THR A 295 -20.22 -11.49 10.34
CA THR A 295 -19.38 -12.55 9.75
C THR A 295 -18.73 -13.33 10.89
N GLN A 296 -18.40 -14.58 10.61
CA GLN A 296 -17.83 -15.54 11.59
C GLN A 296 -16.32 -15.55 11.41
N ILE A 297 -15.58 -15.47 12.51
CA ILE A 297 -14.11 -15.65 12.56
C ILE A 297 -13.86 -17.00 13.25
N GLU A 298 -13.35 -17.97 12.50
CA GLU A 298 -13.21 -19.37 12.99
C GLU A 298 -11.78 -19.85 12.79
N ILE A 299 -11.15 -20.36 13.85
CA ILE A 299 -9.86 -21.08 13.76
C ILE A 299 -9.97 -22.33 14.63
N GLU A 300 -9.90 -23.50 14.01
CA GLU A 300 -9.84 -24.78 14.76
C GLU A 300 -8.50 -24.85 15.46
N ASP A 301 -8.44 -25.20 16.73
CA ASP A 301 -7.16 -25.42 17.44
C ASP A 301 -6.25 -24.20 17.28
N ILE A 302 -6.75 -23.01 17.61
CA ILE A 302 -5.92 -21.80 17.46
C ILE A 302 -4.69 -21.98 18.36
N VAL A 303 -4.88 -22.60 19.53
CA VAL A 303 -3.84 -23.40 20.25
C VAL A 303 -4.40 -24.80 20.42
N GLU A 304 -3.58 -25.77 20.80
CA GLU A 304 -4.00 -27.20 20.87
C GLU A 304 -5.21 -27.31 21.83
N GLY A 305 -6.30 -27.91 21.38
CA GLY A 305 -7.50 -28.21 22.20
C GLY A 305 -8.40 -27.03 22.42
N HIS A 306 -8.14 -25.89 21.76
CA HIS A 306 -9.01 -24.68 21.89
C HIS A 306 -9.26 -24.07 20.52
N ASN A 307 -10.54 -23.96 20.20
CA ASN A 307 -11.06 -23.39 18.96
C ASN A 307 -11.33 -21.90 19.21
N PHE A 308 -11.19 -21.10 18.19
CA PHE A 308 -11.59 -19.69 18.22
C PHE A 308 -12.85 -19.64 17.37
N SER A 309 -13.89 -19.05 17.91
CA SER A 309 -15.20 -18.91 17.20
C SER A 309 -15.92 -17.66 17.66
N GLU A 310 -15.98 -16.64 16.83
CA GLU A 310 -16.62 -15.36 17.21
C GLU A 310 -17.35 -14.78 16.01
N THR A 311 -18.27 -13.89 16.30
CA THR A 311 -19.05 -13.12 15.34
C THR A 311 -18.56 -11.70 15.46
N LEU A 312 -18.21 -11.08 14.34
CA LEU A 312 -17.98 -9.61 14.30
C LEU A 312 -19.06 -8.99 13.44
N THR A 313 -19.69 -7.96 13.95
CA THR A 313 -20.65 -7.12 13.21
C THR A 313 -19.92 -5.94 12.59
N ARG A 314 -20.56 -5.38 11.57
CA ARG A 314 -20.10 -4.11 10.99
C ARG A 314 -20.13 -3.02 12.06
N ALA A 315 -21.16 -2.95 12.88
CA ALA A 315 -21.30 -1.93 13.94
C ALA A 315 -20.13 -2.05 14.96
N LYS A 316 -19.71 -3.25 15.37
CA LYS A 316 -18.57 -3.37 16.31
C LYS A 316 -17.27 -3.02 15.57
N PHE A 317 -17.11 -3.47 14.32
CA PHE A 317 -15.96 -3.12 13.47
C PHE A 317 -15.79 -1.60 13.44
N GLU A 318 -16.89 -0.87 13.19
CA GLU A 318 -16.86 0.61 13.09
C GLU A 318 -16.60 1.21 14.46
N GLU A 319 -17.24 0.70 15.50
CA GLU A 319 -17.04 1.23 16.88
C GLU A 319 -15.57 1.09 17.23
N LEU A 320 -14.90 0.01 16.87
CA LEU A 320 -13.50 -0.23 17.25
C LEU A 320 -12.56 0.73 16.52
N ASN A 321 -13.01 1.31 15.42
CA ASN A 321 -12.09 2.04 14.51
C ASN A 321 -12.55 3.48 14.21
N ASP A 322 -13.67 3.91 14.78
CA ASP A 322 -14.37 5.15 14.37
C ASP A 322 -13.42 6.35 14.56
N ASP A 323 -12.58 6.37 15.60
CA ASP A 323 -11.61 7.48 15.84
C ASP A 323 -10.56 7.49 14.70
N LEU A 324 -10.06 6.33 14.25
CA LEU A 324 -9.12 6.21 13.12
C LEU A 324 -9.79 6.64 11.81
N PHE A 325 -11.03 6.22 11.52
CA PHE A 325 -11.79 6.70 10.32
C PHE A 325 -11.84 8.23 10.31
N ARG A 326 -12.19 8.84 11.45
CA ARG A 326 -12.40 10.32 11.52
C ARG A 326 -11.05 11.05 11.40
N GLU A 327 -9.94 10.43 11.80
CA GLU A 327 -8.58 11.02 11.72
C GLU A 327 -8.26 11.28 10.24
N THR A 328 -8.79 10.48 9.33
CA THR A 328 -8.53 10.68 7.88
C THR A 328 -9.04 12.06 7.43
N LEU A 329 -9.95 12.69 8.16
CA LEU A 329 -10.47 14.01 7.77
C LEU A 329 -9.46 15.09 8.11
N GLU A 330 -8.50 14.87 9.03
CA GLU A 330 -7.57 15.96 9.44
C GLU A 330 -6.69 16.29 8.23
N PRO A 331 -6.10 15.32 7.50
CA PRO A 331 -5.40 15.67 6.26
C PRO A 331 -6.27 16.34 5.19
N VAL A 332 -7.55 15.99 5.11
CA VAL A 332 -8.44 16.61 4.09
C VAL A 332 -8.56 18.10 4.39
N LYS A 333 -8.80 18.47 5.64
CA LYS A 333 -8.92 19.89 6.08
C LYS A 333 -7.62 20.62 5.78
N LYS A 334 -6.47 19.97 6.04
CA LYS A 334 -5.14 20.56 5.78
C LYS A 334 -4.92 20.84 4.29
N VAL A 335 -5.23 19.92 3.36
CA VAL A 335 -4.97 20.20 1.93
C VAL A 335 -5.93 21.31 1.47
N LEU A 336 -7.19 21.34 1.96
CA LEU A 336 -8.14 22.42 1.60
C LEU A 336 -7.62 23.76 2.10
N ASP A 337 -7.11 23.81 3.33
CA ASP A 337 -6.47 25.01 3.92
C ASP A 337 -5.19 25.38 3.12
N ASP A 338 -4.24 24.45 2.88
CA ASP A 338 -2.99 24.71 2.11
C ASP A 338 -3.34 25.29 0.71
N ALA A 339 -4.37 24.80 0.05
CA ALA A 339 -4.68 25.19 -1.34
C ALA A 339 -5.54 26.45 -1.31
N LYS A 340 -5.99 26.86 -0.12
CA LYS A 340 -7.02 27.93 0.10
C LYS A 340 -8.28 27.58 -0.66
N TYR A 341 -8.76 26.33 -0.57
CA TYR A 341 -9.98 25.88 -1.28
C TYR A 341 -11.16 25.90 -0.32
N GLU A 342 -12.35 26.21 -0.85
CA GLU A 342 -13.64 25.91 -0.20
C GLU A 342 -13.93 24.45 -0.52
N LYS A 343 -14.71 23.77 0.32
CA LYS A 343 -15.12 22.38 -0.02
C LYS A 343 -15.76 22.33 -1.39
N SER A 344 -16.57 23.35 -1.75
CA SER A 344 -17.37 23.41 -3.00
C SER A 344 -16.45 23.45 -4.20
N LYS A 345 -15.27 24.04 -4.04
CA LYS A 345 -14.23 24.15 -5.10
C LYS A 345 -13.83 22.74 -5.57
N ILE A 346 -13.99 21.68 -4.76
CA ILE A 346 -13.69 20.30 -5.26
C ILE A 346 -14.77 19.85 -6.24
N ASP A 347 -14.39 19.44 -7.45
CA ASP A 347 -15.34 19.00 -8.52
C ASP A 347 -15.67 17.52 -8.39
N GLU A 348 -14.70 16.69 -8.01
CA GLU A 348 -14.81 15.22 -7.96
C GLU A 348 -13.88 14.68 -6.85
N ILE A 349 -14.38 13.73 -6.06
CA ILE A 349 -13.62 13.00 -5.00
C ILE A 349 -13.38 11.61 -5.55
N VAL A 350 -12.13 11.22 -5.72
CA VAL A 350 -11.74 9.91 -6.24
C VAL A 350 -11.09 9.13 -5.08
N LEU A 351 -11.42 7.83 -4.97
CA LEU A 351 -11.00 6.93 -3.87
C LEU A 351 -10.08 5.89 -4.46
N VAL A 352 -8.96 5.70 -3.79
CA VAL A 352 -7.91 4.74 -4.17
C VAL A 352 -7.58 3.96 -2.90
N GLY A 353 -7.18 2.69 -3.06
CA GLY A 353 -6.85 1.81 -1.94
C GLY A 353 -8.06 0.99 -1.56
N GLY A 354 -7.82 -0.28 -1.30
CA GLY A 354 -8.84 -1.25 -0.92
C GLY A 354 -9.60 -0.82 0.32
N SER A 355 -8.99 -0.03 1.20
CA SER A 355 -9.60 0.36 2.49
C SER A 355 -10.76 1.35 2.24
N THR A 356 -10.80 2.02 1.10
CA THR A 356 -11.92 2.93 0.74
C THR A 356 -13.20 2.13 0.44
N ARG A 357 -13.13 0.80 0.35
CA ARG A 357 -14.34 -0.06 0.23
C ARG A 357 -15.11 -0.05 1.54
N ILE A 358 -14.49 0.36 2.65
CA ILE A 358 -15.22 0.41 3.95
C ILE A 358 -16.40 1.39 3.84
N PRO A 359 -17.67 0.93 4.01
CA PRO A 359 -18.81 1.85 3.88
C PRO A 359 -18.77 3.11 4.73
N LYS A 360 -18.28 2.97 5.96
CA LYS A 360 -18.17 4.10 6.89
C LYS A 360 -17.17 5.17 6.40
N ILE A 361 -16.14 4.76 5.70
CA ILE A 361 -15.15 5.72 5.16
C ILE A 361 -15.83 6.59 4.09
N GLN A 362 -16.53 5.94 3.18
CA GLN A 362 -17.23 6.58 2.06
C GLN A 362 -18.32 7.51 2.60
N GLN A 363 -18.97 7.10 3.68
CA GLN A 363 -20.01 7.91 4.36
C GLN A 363 -19.42 9.16 4.99
N ILE A 364 -18.34 8.99 5.74
CA ILE A 364 -17.69 10.14 6.42
C ILE A 364 -17.21 11.19 5.38
N ILE A 365 -16.65 10.76 4.27
CA ILE A 365 -16.12 11.70 3.23
C ILE A 365 -17.32 12.47 2.60
N LYS A 366 -18.35 11.75 2.17
CA LYS A 366 -19.65 12.28 1.64
C LYS A 366 -20.15 13.39 2.56
N GLU A 367 -20.19 13.15 3.86
CA GLU A 367 -20.80 14.10 4.83
C GLU A 367 -19.86 15.30 5.06
N PHE A 368 -18.55 15.08 5.06
CA PHE A 368 -17.57 16.20 5.17
C PHE A 368 -17.78 17.18 4.01
N PHE A 369 -18.05 16.65 2.83
CA PHE A 369 -18.23 17.42 1.59
C PHE A 369 -19.72 17.72 1.46
N ASN A 370 -20.34 18.05 2.60
CA ASN A 370 -21.74 18.52 2.78
C ASN A 370 -22.60 17.82 1.72
N GLY A 371 -22.37 16.54 1.49
CA GLY A 371 -23.36 15.68 0.82
C GLY A 371 -22.91 15.18 -0.52
N LYS A 372 -21.80 15.71 -1.03
N LYS A 372 -21.79 15.72 -1.05
CA LYS A 372 -21.26 15.35 -2.37
CA LYS A 372 -21.23 15.37 -2.38
C LYS A 372 -20.79 13.90 -2.40
C LYS A 372 -20.77 13.90 -2.41
N GLU A 373 -21.21 13.12 -3.41
CA GLU A 373 -20.87 11.68 -3.51
C GLU A 373 -19.44 11.49 -3.98
N PRO A 374 -18.61 10.64 -3.30
CA PRO A 374 -17.30 10.25 -3.82
C PRO A 374 -17.37 9.24 -4.97
N ASN A 375 -16.49 9.39 -5.97
CA ASN A 375 -16.29 8.38 -7.05
C ASN A 375 -15.36 7.34 -6.48
N ARG A 376 -15.72 6.07 -6.55
CA ARG A 376 -14.83 4.96 -6.21
C ARG A 376 -14.91 4.04 -7.39
N GLY A 377 -13.81 3.32 -7.65
CA GLY A 377 -13.71 2.31 -8.72
C GLY A 377 -14.31 1.06 -8.18
N ILE A 378 -14.08 -0.05 -8.88
CA ILE A 378 -14.45 -1.43 -8.52
C ILE A 378 -13.19 -2.15 -8.02
N ASN A 379 -11.98 -1.77 -8.47
CA ASN A 379 -10.72 -2.44 -8.04
C ASN A 379 -9.78 -1.35 -7.54
N PRO A 380 -10.08 -0.78 -6.36
CA PRO A 380 -9.38 0.43 -5.90
C PRO A 380 -7.91 0.16 -5.57
N ASP A 381 -7.50 -1.10 -5.40
CA ASP A 381 -6.09 -1.48 -5.11
C ASP A 381 -5.27 -1.50 -6.39
N GLU A 382 -5.90 -1.53 -7.56
CA GLU A 382 -5.13 -1.68 -8.82
C GLU A 382 -5.15 -0.37 -9.61
N ALA A 383 -5.92 0.62 -9.19
CA ALA A 383 -6.15 1.86 -9.96
C ALA A 383 -4.84 2.55 -10.29
N VAL A 384 -3.93 2.64 -9.34
CA VAL A 384 -2.62 3.32 -9.53
C VAL A 384 -1.80 2.57 -10.58
N ALA A 385 -1.67 1.24 -10.48
CA ALA A 385 -0.93 0.48 -11.50
C ALA A 385 -1.64 0.60 -12.84
N TYR A 386 -2.98 0.53 -12.85
CA TYR A 386 -3.74 0.75 -14.11
C TYR A 386 -3.30 2.09 -14.76
N GLY A 387 -3.21 3.14 -13.98
CA GLY A 387 -2.88 4.48 -14.52
C GLY A 387 -1.46 4.55 -14.99
N ALA A 388 -0.56 3.85 -14.31
CA ALA A 388 0.86 3.80 -14.74
C ALA A 388 0.94 3.11 -16.11
N ALA A 389 0.16 2.05 -16.31
CA ALA A 389 0.15 1.31 -17.59
C ALA A 389 -0.47 2.21 -18.67
N ILE A 390 -1.47 3.00 -18.32
CA ILE A 390 -2.08 3.97 -19.28
C ILE A 390 -0.97 4.98 -19.67
N GLN A 391 -0.23 5.51 -18.69
CA GLN A 391 0.88 6.46 -18.96
C GLN A 391 1.90 5.76 -19.87
N ALA A 392 2.18 4.50 -19.65
CA ALA A 392 3.10 3.75 -20.57
C ALA A 392 2.53 3.75 -22.01
N GLY A 393 1.24 3.47 -22.17
CA GLY A 393 0.60 3.46 -23.51
C GLY A 393 0.63 4.85 -24.13
N ILE A 394 0.44 5.87 -23.33
CA ILE A 394 0.46 7.27 -23.82
C ILE A 394 1.87 7.58 -24.33
N ILE A 395 2.90 7.15 -23.62
CA ILE A 395 4.31 7.44 -24.04
C ILE A 395 4.63 6.68 -25.33
N LEU A 396 4.17 5.43 -25.49
CA LEU A 396 4.42 4.68 -26.76
C LEU A 396 3.67 5.28 -27.97
N GLY A 397 2.51 5.94 -27.79
CA GLY A 397 1.66 6.44 -28.89
C GLY A 397 1.03 5.31 -29.72
#